data_5BS1
#
_entry.id   5BS1
#
_cell.length_a   36.133
_cell.length_b   52.989
_cell.length_c   61.561
_cell.angle_alpha   76.490
_cell.angle_beta   81.100
_cell.angle_gamma   70.100
#
_symmetry.space_group_name_H-M   'P 1'
#
loop_
_entity.id
_entity.type
_entity.pdbx_description
1 polymer CrRbcX-IIa
2 non-polymer 'MAGNESIUM ION'
3 water water
#
_entity_poly.entity_id   1
_entity_poly.type   'polypeptide(L)'
_entity_poly.pdbx_seq_one_letter_code
;(MSE)HIPADSFSGASPERKAAVALRSLFTFVAARVVLEQLQGPGGPETTYNQQAYLDL(MSE)DFLGTP(MSE)KGDGG
DEW(MSE)AAV(MSE)RKNHALALRL(MSE)EVREAYLDEFEWGKT(MSE)E(MSE)ASRETREANTRL(MSE)RAAA
(MSE)
;
_entity_poly.pdbx_strand_id   A,B,C,D
#
loop_
_chem_comp.id
_chem_comp.type
_chem_comp.name
_chem_comp.formula
MG non-polymer 'MAGNESIUM ION' 'Mg 2'
#
# COMPACT_ATOMS: atom_id res chain seq x y z
N MSE A 1 0.77 9.49 -7.66
CA MSE A 1 1.96 10.34 -7.82
C MSE A 1 1.48 11.64 -8.38
O MSE A 1 1.23 11.78 -9.58
CB MSE A 1 2.98 9.61 -8.68
CG MSE A 1 4.25 10.40 -8.93
SE MSE A 1 5.43 9.20 -9.95
CE MSE A 1 7.11 10.18 -9.89
N HIS A 2 1.28 12.60 -7.49
CA HIS A 2 0.86 13.92 -7.87
C HIS A 2 1.96 14.88 -7.43
N ILE A 3 2.82 15.24 -8.39
CA ILE A 3 4.04 15.93 -8.02
C ILE A 3 3.79 17.30 -7.39
N PRO A 4 2.80 18.08 -7.87
CA PRO A 4 2.64 19.40 -7.19
C PRO A 4 2.38 19.36 -5.69
N ALA A 5 1.87 18.25 -5.14
CA ALA A 5 1.60 18.08 -3.72
C ALA A 5 2.76 17.51 -2.92
N ASP A 6 3.82 17.07 -3.59
CA ASP A 6 5.00 16.52 -2.93
C ASP A 6 5.96 17.60 -2.42
N SER A 7 6.89 17.17 -1.55
CA SER A 7 7.80 18.09 -0.88
C SER A 7 7.01 19.18 -0.17
N PHE A 8 7.60 20.37 -0.12
CA PHE A 8 7.00 21.46 0.64
C PHE A 8 6.46 22.54 -0.27
N SER A 9 5.43 23.27 0.21
CA SER A 9 4.98 24.46 -0.48
C SER A 9 6.12 25.48 -0.51
N GLY A 10 6.52 25.89 -1.70
CA GLY A 10 7.70 26.70 -1.89
C GLY A 10 8.87 26.01 -2.58
N ALA A 11 8.78 24.69 -2.66
CA ALA A 11 9.77 23.90 -3.41
C ALA A 11 9.65 24.13 -4.89
N SER A 12 10.76 23.99 -5.61
CA SER A 12 10.71 24.06 -7.07
C SER A 12 10.01 22.89 -7.66
N PRO A 13 9.57 23.00 -8.91
CA PRO A 13 9.02 21.80 -9.57
C PRO A 13 10.05 20.66 -9.62
N GLU A 14 11.31 21.01 -9.82
CA GLU A 14 12.40 20.03 -9.85
C GLU A 14 12.53 19.29 -8.51
N ARG A 15 12.46 20.01 -7.41
N ARG A 15 12.47 20.01 -7.40
CA ARG A 15 12.53 19.37 -6.11
CA ARG A 15 12.55 19.36 -6.09
C ARG A 15 11.32 18.53 -5.82
C ARG A 15 11.31 18.52 -5.82
N LYS A 16 10.14 19.04 -6.15
CA LYS A 16 8.92 18.26 -6.00
C LYS A 16 9.02 16.96 -6.78
N ALA A 17 9.50 17.01 -8.02
CA ALA A 17 9.66 15.81 -8.83
C ALA A 17 10.66 14.86 -8.20
N ALA A 18 11.76 15.39 -7.67
CA ALA A 18 12.80 14.54 -7.04
C ALA A 18 12.22 13.80 -5.85
N VAL A 19 11.48 14.49 -5.01
CA VAL A 19 10.88 13.85 -3.81
C VAL A 19 9.82 12.82 -4.20
N ALA A 20 9.03 13.15 -5.21
CA ALA A 20 8.03 12.21 -5.74
C ALA A 20 8.72 10.97 -6.27
N LEU A 21 9.82 11.16 -6.99
CA LEU A 21 10.59 10.01 -7.52
C LEU A 21 11.14 9.16 -6.38
N ARG A 22 11.62 9.81 -5.32
CA ARG A 22 12.13 9.06 -4.18
C ARG A 22 11.06 8.16 -3.60
N SER A 23 9.84 8.67 -3.49
CA SER A 23 8.72 7.84 -2.98
C SER A 23 8.41 6.71 -3.96
N LEU A 24 8.42 7.03 -5.24
CA LEU A 24 8.23 5.98 -6.26
C LEU A 24 9.28 4.87 -6.14
N PHE A 25 10.54 5.24 -5.95
CA PHE A 25 11.62 4.28 -5.86
C PHE A 25 11.49 3.41 -4.63
N THR A 26 11.01 4.00 -3.53
CA THR A 26 10.78 3.24 -2.34
C THR A 26 9.70 2.20 -2.57
N PHE A 27 8.62 2.59 -3.26
CA PHE A 27 7.52 1.68 -3.61
C PHE A 27 7.98 0.59 -4.56
N VAL A 28 8.76 0.96 -5.56
CA VAL A 28 9.34 -0.02 -6.49
C VAL A 28 10.17 -1.04 -5.71
N ALA A 29 11.03 -0.56 -4.83
CA ALA A 29 11.88 -1.43 -4.01
C ALA A 29 11.01 -2.41 -3.21
N ALA A 30 9.97 -1.91 -2.58
CA ALA A 30 9.09 -2.75 -1.79
C ALA A 30 8.47 -3.86 -2.63
N ARG A 31 8.02 -3.51 -3.84
N ARG A 31 8.02 -3.51 -3.84
CA ARG A 31 7.48 -4.53 -4.75
CA ARG A 31 7.48 -4.53 -4.74
C ARG A 31 8.51 -5.56 -5.13
C ARG A 31 8.50 -5.56 -5.14
N VAL A 32 9.72 -5.11 -5.42
CA VAL A 32 10.84 -6.01 -5.75
C VAL A 32 11.12 -6.99 -4.64
N VAL A 33 11.22 -6.47 -3.42
CA VAL A 33 11.53 -7.29 -2.27
C VAL A 33 10.38 -8.25 -1.99
N LEU A 34 9.14 -7.79 -2.08
CA LEU A 34 8.01 -8.70 -1.82
C LEU A 34 8.07 -9.89 -2.77
N GLU A 35 8.36 -9.65 -4.05
CA GLU A 35 8.40 -10.72 -5.04
C GLU A 35 9.51 -11.69 -4.69
N GLN A 36 10.65 -11.14 -4.28
CA GLN A 36 11.80 -11.96 -3.91
C GLN A 36 11.51 -12.84 -2.70
N LEU A 37 10.73 -12.35 -1.76
CA LEU A 37 10.41 -13.08 -0.55
C LEU A 37 9.44 -14.22 -0.77
N GLN A 38 8.72 -14.18 -1.87
CA GLN A 38 7.82 -15.28 -2.23
C GLN A 38 8.47 -16.28 -3.20
N GLY A 39 9.46 -15.83 -3.98
CA GLY A 39 10.15 -16.70 -4.94
C GLY A 39 11.09 -15.94 -5.88
N THR A 45 13.13 -20.14 5.52
CA THR A 45 13.81 -19.49 6.63
C THR A 45 12.82 -18.69 7.47
N THR A 46 12.88 -18.88 8.79
CA THR A 46 11.93 -18.23 9.71
C THR A 46 12.02 -16.68 9.66
N TYR A 47 13.24 -16.15 9.58
CA TYR A 47 13.45 -14.70 9.48
C TYR A 47 12.94 -14.13 8.16
N ASN A 48 13.07 -14.92 7.11
CA ASN A 48 12.63 -14.55 5.78
C ASN A 48 11.08 -14.52 5.79
N GLN A 49 10.48 -15.51 6.47
CA GLN A 49 9.02 -15.51 6.59
C GLN A 49 8.54 -14.29 7.36
N GLN A 50 9.26 -13.89 8.38
CA GLN A 50 8.87 -12.74 9.18
C GLN A 50 8.99 -11.44 8.35
N ALA A 51 10.02 -11.37 7.50
CA ALA A 51 10.19 -10.21 6.63
C ALA A 51 9.02 -10.12 5.65
N TYR A 52 8.60 -11.27 5.11
CA TYR A 52 7.42 -11.33 4.24
C TYR A 52 6.19 -10.84 5.00
N LEU A 53 5.97 -11.35 6.20
CA LEU A 53 4.78 -10.98 6.97
C LEU A 53 4.77 -9.48 7.23
N ASP A 54 5.93 -8.94 7.60
CA ASP A 54 6.03 -7.52 7.96
C ASP A 54 5.85 -6.64 6.71
N LEU A 55 6.43 -7.06 5.58
CA LEU A 55 6.33 -6.27 4.37
C LEU A 55 4.90 -6.23 3.88
N MSE A 56 4.19 -7.36 4.00
CA MSE A 56 2.77 -7.39 3.65
C MSE A 56 2.03 -6.34 4.51
O MSE A 56 1.20 -5.61 3.99
CB MSE A 56 2.20 -8.79 3.85
CG MSE A 56 2.63 -9.88 2.86
SE MSE A 56 1.84 -9.72 1.07
CE MSE A 56 0.11 -10.54 1.58
N ASP A 57 2.30 -6.28 5.81
CA ASP A 57 1.67 -5.29 6.72
C ASP A 57 1.97 -3.87 6.28
N PHE A 58 3.24 -3.57 6.03
CA PHE A 58 3.64 -2.20 5.73
C PHE A 58 3.20 -1.74 4.37
N LEU A 59 3.04 -2.64 3.41
CA LEU A 59 2.43 -2.26 2.15
C LEU A 59 0.94 -1.91 2.27
N GLY A 60 0.33 -2.29 3.39
CA GLY A 60 -1.01 -1.78 3.73
C GLY A 60 -1.05 -0.35 4.23
N THR A 61 0.11 0.29 4.40
CA THR A 61 0.18 1.70 4.86
C THR A 61 0.86 2.69 3.89
N PRO A 62 0.38 3.95 3.85
CA PRO A 62 0.92 4.94 2.94
C PRO A 62 2.30 5.43 3.32
N MSE A 63 3.10 5.70 2.31
CA MSE A 63 4.29 6.53 2.46
C MSE A 63 3.95 7.88 1.92
O MSE A 63 4.25 8.20 0.76
CB MSE A 63 5.44 5.87 1.73
CG MSE A 63 5.17 5.65 0.25
SE MSE A 63 6.69 4.61 -0.37
CE MSE A 63 6.16 2.71 -0.27
N LYS A 64 3.32 8.69 2.75
CA LYS A 64 2.91 10.01 2.33
C LYS A 64 4.13 10.75 1.79
N GLY A 65 4.97 11.19 2.72
CA GLY A 65 5.95 12.19 2.44
C GLY A 65 7.37 11.78 2.65
N ASP A 66 8.19 12.80 2.52
CA ASP A 66 9.58 12.69 2.66
C ASP A 66 10.10 11.55 1.83
N GLY A 67 9.63 11.33 0.60
CA GLY A 67 10.34 10.40 -0.26
C GLY A 67 10.31 8.96 0.24
N GLY A 68 9.35 8.64 1.11
CA GLY A 68 9.24 7.29 1.71
C GLY A 68 10.01 7.09 3.00
N ASP A 69 10.57 8.15 3.56
CA ASP A 69 11.50 7.97 4.70
C ASP A 69 10.81 7.78 6.05
N GLU A 70 9.65 8.40 6.24
CA GLU A 70 8.83 8.15 7.43
C GLU A 70 8.38 6.68 7.44
N TRP A 71 7.92 6.22 6.29
CA TRP A 71 7.57 4.80 6.09
C TRP A 71 8.77 3.90 6.40
N MSE A 72 9.94 4.26 5.87
CA MSE A 72 11.11 3.43 6.04
C MSE A 72 11.52 3.37 7.50
O MSE A 72 11.95 2.34 7.98
CB MSE A 72 12.25 3.94 5.16
CG MSE A 72 13.44 2.99 5.14
SE MSE A 72 12.99 1.28 4.28
CE MSE A 72 13.04 2.01 2.47
N ALA A 73 11.42 4.48 8.22
CA ALA A 73 11.78 4.50 9.63
C ALA A 73 10.86 3.59 10.43
N ALA A 74 9.59 3.57 10.04
CA ALA A 74 8.59 2.67 10.65
C ALA A 74 8.93 1.21 10.38
N VAL A 75 9.29 0.90 9.15
CA VAL A 75 9.72 -0.46 8.84
C VAL A 75 10.94 -0.85 9.69
N MSE A 76 11.93 0.04 9.77
CA MSE A 76 13.15 -0.24 10.51
C MSE A 76 12.86 -0.50 11.98
O MSE A 76 13.50 -1.37 12.56
CB MSE A 76 14.20 0.85 10.32
CG MSE A 76 15.58 0.45 10.88
SE MSE A 76 16.88 1.82 10.31
CE MSE A 76 16.21 3.32 11.39
N ARG A 77 11.89 0.21 12.56
CA ARG A 77 11.52 -0.04 13.96
C ARG A 77 11.00 -1.43 14.19
N LYS A 78 10.33 -1.98 13.19
CA LYS A 78 9.73 -3.31 13.29
C LYS A 78 10.67 -4.42 12.88
N ASN A 79 11.46 -4.16 11.84
CA ASN A 79 12.24 -5.20 11.20
C ASN A 79 13.43 -4.55 10.52
N HIS A 80 14.52 -4.47 11.26
CA HIS A 80 15.73 -3.80 10.78
C HIS A 80 16.31 -4.47 9.54
N ALA A 81 16.34 -5.79 9.49
CA ALA A 81 16.91 -6.50 8.35
C ALA A 81 16.11 -6.18 7.07
N LEU A 82 14.79 -6.15 7.23
CA LEU A 82 13.92 -5.83 6.07
C LEU A 82 14.20 -4.39 5.60
N ALA A 83 14.27 -3.44 6.54
CA ALA A 83 14.59 -2.06 6.19
C ALA A 83 15.92 -1.94 5.47
N LEU A 84 16.96 -2.64 5.93
CA LEU A 84 18.24 -2.61 5.24
C LEU A 84 18.11 -3.07 3.81
N ARG A 85 17.35 -4.15 3.58
CA ARG A 85 17.17 -4.65 2.24
C ARG A 85 16.40 -3.67 1.33
N LEU A 86 15.35 -3.08 1.86
CA LEU A 86 14.54 -2.12 1.10
C LEU A 86 15.41 -0.90 0.76
N MSE A 87 16.22 -0.46 1.71
CA MSE A 87 17.15 0.68 1.49
C MSE A 87 18.15 0.36 0.40
O MSE A 87 18.41 1.20 -0.45
CB MSE A 87 17.86 1.03 2.79
CG MSE A 87 16.90 1.87 3.59
SE MSE A 87 17.62 2.74 5.20
CE MSE A 87 17.41 1.01 6.01
N GLU A 88 18.73 -0.84 0.43
CA GLU A 88 19.69 -1.27 -0.57
C GLU A 88 19.05 -1.23 -1.97
N VAL A 89 17.86 -1.80 -2.06
CA VAL A 89 17.19 -1.94 -3.35
C VAL A 89 16.81 -0.56 -3.91
N ARG A 90 16.27 0.32 -3.09
CA ARG A 90 15.86 1.63 -3.60
C ARG A 90 17.06 2.48 -4.02
N GLU A 91 18.22 2.27 -3.38
CA GLU A 91 19.44 2.96 -3.74
C GLU A 91 20.01 2.36 -5.04
N ALA A 92 20.01 1.03 -5.15
CA ALA A 92 20.44 0.39 -6.37
C ALA A 92 19.60 0.81 -7.55
N TYR A 93 18.31 1.05 -7.30
CA TYR A 93 17.36 1.37 -8.37
C TYR A 93 17.68 2.71 -9.02
N LEU A 94 18.38 3.58 -8.31
CA LEU A 94 18.81 4.85 -8.89
C LEU A 94 19.58 4.67 -10.17
N ASP A 95 20.37 3.61 -10.26
CA ASP A 95 21.20 3.38 -11.42
C ASP A 95 20.52 2.48 -12.47
N GLU A 96 19.41 1.86 -12.11
N GLU A 96 19.41 1.86 -12.11
CA GLU A 96 18.59 1.04 -13.03
CA GLU A 96 18.61 1.03 -13.05
C GLU A 96 17.58 1.90 -13.78
C GLU A 96 17.55 1.85 -13.76
N PHE A 97 17.05 2.90 -13.08
CA PHE A 97 15.98 3.73 -13.63
C PHE A 97 16.47 4.45 -14.87
N GLU A 98 15.65 4.44 -15.90
CA GLU A 98 16.04 5.01 -17.21
C GLU A 98 15.67 6.50 -17.25
N TRP A 99 16.56 7.31 -16.70
CA TRP A 99 16.34 8.74 -16.52
C TRP A 99 16.10 9.44 -17.82
N GLY A 100 16.98 9.19 -18.80
CA GLY A 100 16.86 9.91 -20.05
C GLY A 100 15.57 9.58 -20.77
N LYS A 101 15.21 8.31 -20.78
CA LYS A 101 13.99 7.86 -21.43
C LYS A 101 12.76 8.52 -20.81
N THR A 102 12.74 8.63 -19.49
CA THR A 102 11.63 9.20 -18.79
C THR A 102 11.34 10.64 -19.24
N MSE A 103 12.38 11.46 -19.27
CA MSE A 103 12.22 12.88 -19.67
C MSE A 103 11.88 12.98 -21.15
O MSE A 103 11.04 13.77 -21.55
CB MSE A 103 13.42 13.70 -19.31
CG MSE A 103 13.27 15.19 -19.68
SE MSE A 103 11.82 16.06 -18.66
CE MSE A 103 11.81 17.81 -19.56
N GLU A 104 12.48 12.13 -21.99
CA GLU A 104 12.14 12.14 -23.42
C GLU A 104 10.69 11.73 -23.70
N MSE A 105 10.18 10.73 -22.99
N MSE A 105 10.19 10.73 -22.99
CA MSE A 105 8.77 10.34 -23.12
CA MSE A 105 8.78 10.36 -23.13
C MSE A 105 7.87 11.48 -22.68
C MSE A 105 7.87 11.48 -22.66
O MSE A 105 6.90 11.84 -23.35
O MSE A 105 6.90 11.85 -23.35
CB MSE A 105 8.39 9.10 -22.30
CB MSE A 105 8.65 9.07 -22.35
CG MSE A 105 8.90 7.81 -22.93
CG MSE A 105 7.22 8.57 -22.33
SE MSE A 105 8.14 6.22 -22.04
SE MSE A 105 7.25 6.80 -21.46
CE MSE A 105 9.07 6.31 -20.31
CE MSE A 105 8.85 6.07 -22.38
N ALA A 106 8.22 12.10 -21.55
CA ALA A 106 7.40 13.22 -21.02
C ALA A 106 7.37 14.38 -22.01
N SER A 107 8.51 14.64 -22.64
CA SER A 107 8.69 15.76 -23.57
C SER A 107 7.96 15.46 -24.88
N ARG A 108 8.26 14.31 -25.46
CA ARG A 108 7.62 13.92 -26.72
C ARG A 108 6.10 13.88 -26.56
N GLU A 109 5.62 13.28 -25.49
CA GLU A 109 4.16 13.14 -25.33
C GLU A 109 3.48 14.46 -25.00
N THR A 110 4.21 15.43 -24.44
CA THR A 110 3.70 16.77 -24.26
C THR A 110 3.49 17.44 -25.64
N ARG A 111 4.51 17.35 -26.47
CA ARG A 111 4.42 17.88 -27.85
C ARG A 111 3.28 17.23 -28.61
N GLU A 112 3.18 15.91 -28.49
N GLU A 112 3.19 15.91 -28.50
CA GLU A 112 2.16 15.17 -29.22
CA GLU A 112 2.19 15.07 -29.17
C GLU A 112 0.77 15.52 -28.74
C GLU A 112 0.77 15.44 -28.71
N ALA A 113 0.61 15.68 -27.43
CA ALA A 113 -0.71 16.08 -26.92
C ALA A 113 -1.11 17.45 -27.44
N ASN A 114 -0.17 18.40 -27.46
CA ASN A 114 -0.44 19.72 -27.99
C ASN A 114 -0.84 19.60 -29.46
N THR A 115 -0.11 18.80 -30.21
CA THR A 115 -0.43 18.62 -31.65
C THR A 115 -1.80 18.04 -31.86
N ARG A 116 -2.15 17.04 -31.06
N ARG A 116 -2.16 17.04 -31.06
CA ARG A 116 -3.47 16.41 -31.14
CA ARG A 116 -3.49 16.42 -31.15
C ARG A 116 -4.58 17.45 -30.92
C ARG A 116 -4.58 17.48 -30.93
N LEU A 117 -4.41 18.29 -29.89
CA LEU A 117 -5.39 19.33 -29.56
C LEU A 117 -5.47 20.40 -30.64
N MSE A 118 -4.33 20.79 -31.18
CA MSE A 118 -4.30 21.77 -32.27
C MSE A 118 -5.02 21.23 -33.49
O MSE A 118 -5.81 21.95 -34.13
CB MSE A 118 -2.84 22.10 -32.60
CG MSE A 118 -2.17 22.98 -31.60
SE MSE A 118 -3.17 24.65 -31.42
CE MSE A 118 -2.65 25.46 -33.13
N ARG A 119 -4.76 19.97 -33.83
CA ARG A 119 -5.39 19.36 -35.01
C ARG A 119 -6.91 19.24 -34.82
N ALA A 120 -7.34 18.99 -33.58
CA ALA A 120 -8.75 18.86 -33.26
C ALA A 120 -9.50 20.19 -33.41
N ALA A 121 -8.85 21.30 -33.07
CA ALA A 121 -9.50 22.62 -33.12
C ALA A 121 -9.36 23.26 -34.47
N ALA A 122 -8.60 22.60 -35.35
CA ALA A 122 -8.30 23.16 -36.66
C ALA A 122 -9.53 23.23 -37.59
N MSE A 123 -10.56 22.43 -37.30
CA MSE A 123 -11.96 22.70 -37.74
C MSE A 123 -12.43 21.62 -38.70
O MSE A 123 -12.24 20.44 -38.38
OXT MSE A 123 -13.05 21.83 -39.76
CB MSE A 123 -12.24 24.15 -38.26
CG MSE A 123 -13.28 24.81 -37.37
SE MSE A 123 -13.37 26.79 -37.65
CE MSE A 123 -12.49 27.07 -35.93
N MSE B 1 25.04 6.08 -40.71
CA MSE B 1 23.64 6.20 -40.20
C MSE B 1 23.53 6.28 -38.68
O MSE B 1 24.03 5.43 -37.97
CB MSE B 1 22.85 4.98 -40.64
CG MSE B 1 21.42 4.99 -40.11
SE MSE B 1 20.49 3.38 -40.78
CE MSE B 1 20.37 3.77 -42.71
N HIS B 2 22.79 7.27 -38.21
CA HIS B 2 22.62 7.47 -36.77
C HIS B 2 21.48 6.62 -36.29
N ILE B 3 21.70 5.84 -35.25
CA ILE B 3 20.66 5.03 -34.68
C ILE B 3 20.21 5.68 -33.36
N PRO B 4 18.98 6.15 -33.31
CA PRO B 4 18.54 6.98 -32.21
C PRO B 4 18.42 6.24 -30.88
N ALA B 5 18.67 6.95 -29.80
CA ALA B 5 18.55 6.32 -28.47
C ALA B 5 17.14 5.78 -28.26
N ASP B 6 17.03 4.64 -27.57
CA ASP B 6 15.72 4.06 -27.20
C ASP B 6 15.00 5.02 -26.27
N SER B 7 13.77 5.47 -26.59
CA SER B 7 13.03 6.35 -25.70
C SER B 7 11.58 5.85 -25.56
N PHE B 8 11.39 4.54 -25.67
CA PHE B 8 10.05 3.94 -25.55
C PHE B 8 9.91 2.96 -24.38
N SER B 9 8.70 2.93 -23.82
CA SER B 9 8.40 2.07 -22.70
C SER B 9 6.90 1.86 -22.60
N GLY B 10 6.51 0.64 -22.29
CA GLY B 10 5.12 0.36 -21.92
C GLY B 10 4.91 0.59 -20.43
N ALA B 11 4.18 -0.30 -19.74
CA ALA B 11 3.85 -0.05 -18.34
C ALA B 11 5.10 -0.24 -17.51
N SER B 12 5.58 0.85 -16.92
CA SER B 12 6.85 0.82 -16.19
C SER B 12 6.90 2.01 -15.22
N PRO B 13 7.79 1.97 -14.23
CA PRO B 13 7.96 3.16 -13.39
C PRO B 13 8.36 4.39 -14.21
N GLU B 14 9.16 4.20 -15.25
CA GLU B 14 9.52 5.28 -16.14
C GLU B 14 8.29 5.92 -16.79
N ARG B 15 7.36 5.10 -17.26
CA ARG B 15 6.12 5.64 -17.84
C ARG B 15 5.31 6.36 -16.77
N LYS B 16 5.21 5.77 -15.58
CA LYS B 16 4.48 6.41 -14.49
C LYS B 16 5.05 7.80 -14.20
N ALA B 17 6.36 7.87 -14.10
CA ALA B 17 7.05 9.10 -13.85
C ALA B 17 6.87 10.11 -14.98
N ALA B 18 6.93 9.62 -16.21
CA ALA B 18 6.77 10.48 -17.38
C ALA B 18 5.40 11.14 -17.42
N VAL B 19 4.36 10.36 -17.14
CA VAL B 19 3.01 10.93 -17.12
C VAL B 19 2.82 11.91 -15.96
N ALA B 20 3.41 11.60 -14.82
CA ALA B 20 3.41 12.52 -13.68
C ALA B 20 4.12 13.82 -14.01
N LEU B 21 5.25 13.74 -14.74
CA LEU B 21 5.95 14.93 -15.19
C LEU B 21 5.07 15.78 -16.12
N ARG B 22 4.38 15.11 -17.01
CA ARG B 22 3.51 15.81 -17.98
C ARG B 22 2.42 16.59 -17.26
N SER B 23 1.85 15.99 -16.21
CA SER B 23 0.87 16.69 -15.39
C SER B 23 1.50 17.85 -14.62
N LEU B 24 2.73 17.64 -14.11
CA LEU B 24 3.48 18.74 -13.48
C LEU B 24 3.67 19.92 -14.43
N PHE B 25 4.06 19.64 -15.66
CA PHE B 25 4.33 20.70 -16.63
C PHE B 25 3.04 21.46 -16.97
N THR B 26 1.93 20.74 -17.06
CA THR B 26 0.63 21.40 -17.30
C THR B 26 0.24 22.31 -16.13
N PHE B 27 0.46 21.84 -14.90
CA PHE B 27 0.24 22.63 -13.69
C PHE B 27 1.13 23.85 -13.59
N VAL B 28 2.42 23.67 -13.87
CA VAL B 28 3.35 24.77 -13.90
C VAL B 28 2.88 25.83 -14.91
N ALA B 29 2.49 25.38 -16.09
CA ALA B 29 2.02 26.31 -17.15
C ALA B 29 0.81 27.09 -16.67
N ALA B 30 -0.12 26.42 -15.99
CA ALA B 30 -1.29 27.12 -15.43
C ALA B 30 -0.92 28.19 -14.42
N ARG B 31 0.04 27.89 -13.55
CA ARG B 31 0.53 28.86 -12.61
C ARG B 31 1.24 30.06 -13.27
N VAL B 32 2.04 29.79 -14.29
CA VAL B 32 2.71 30.83 -15.05
C VAL B 32 1.67 31.75 -15.70
N VAL B 33 0.67 31.16 -16.33
CA VAL B 33 -0.34 31.95 -17.00
C VAL B 33 -1.20 32.72 -16.00
N LEU B 34 -1.53 32.10 -14.86
CA LEU B 34 -2.26 32.82 -13.83
C LEU B 34 -1.51 34.13 -13.38
N GLU B 35 -0.20 34.05 -13.19
CA GLU B 35 0.63 35.19 -12.82
C GLU B 35 0.63 36.26 -13.92
N GLN B 36 0.71 35.82 -15.16
CA GLN B 36 0.60 36.71 -16.32
C GLN B 36 -0.69 37.49 -16.24
N LEU B 37 -1.77 36.81 -15.92
CA LEU B 37 -3.11 37.44 -15.89
C LEU B 37 -3.37 38.27 -14.63
N GLN B 38 -2.61 38.03 -13.56
CA GLN B 38 -2.77 38.69 -12.22
C GLN B 38 -1.52 39.41 -11.75
N THR B 45 -7.65 43.40 -21.01
CA THR B 45 -8.91 43.51 -21.76
C THR B 45 -10.05 42.74 -21.07
N THR B 46 -11.27 42.91 -21.56
CA THR B 46 -12.40 42.09 -21.12
C THR B 46 -12.14 40.58 -21.37
N TYR B 47 -11.50 40.27 -22.50
CA TYR B 47 -11.15 38.89 -22.86
C TYR B 47 -10.14 38.32 -21.86
N ASN B 48 -9.23 39.15 -21.38
CA ASN B 48 -8.24 38.70 -20.41
C ASN B 48 -8.87 38.46 -19.05
N GLN B 49 -9.83 39.31 -18.65
CA GLN B 49 -10.54 39.08 -17.41
C GLN B 49 -11.29 37.76 -17.47
N GLN B 50 -11.90 37.46 -18.61
CA GLN B 50 -12.61 36.21 -18.74
C GLN B 50 -11.63 35.03 -18.69
N ALA B 51 -10.44 35.19 -19.28
CA ALA B 51 -9.43 34.13 -19.23
C ALA B 51 -9.03 33.84 -17.80
N TYR B 52 -8.86 34.90 -17.02
CA TYR B 52 -8.52 34.76 -15.60
C TYR B 52 -9.62 34.00 -14.86
N LEU B 53 -10.87 34.38 -15.09
CA LEU B 53 -11.97 33.73 -14.42
C LEU B 53 -12.03 32.27 -14.80
N ASP B 54 -11.84 31.98 -16.09
CA ASP B 54 -11.92 30.62 -16.59
C ASP B 54 -10.79 29.78 -15.98
N LEU B 55 -9.59 30.33 -15.98
CA LEU B 55 -8.44 29.60 -15.48
C LEU B 55 -8.64 29.27 -13.99
N MSE B 56 -9.13 30.23 -13.24
CA MSE B 56 -9.39 30.00 -11.81
C MSE B 56 -10.42 28.91 -11.64
O MSE B 56 -10.24 28.07 -10.77
CB MSE B 56 -9.89 31.26 -11.12
CG MSE B 56 -8.77 32.27 -10.84
SE MSE B 56 -7.41 31.51 -9.59
CE MSE B 56 -8.25 32.25 -7.98
N ASP B 57 -11.49 28.91 -12.43
CA ASP B 57 -12.51 27.85 -12.39
C ASP B 57 -11.88 26.49 -12.66
N PHE B 58 -11.07 26.39 -13.72
CA PHE B 58 -10.47 25.12 -14.10
C PHE B 58 -9.41 24.62 -13.14
N LEU B 59 -8.70 25.54 -12.48
CA LEU B 59 -7.75 25.16 -11.45
C LEU B 59 -8.44 24.61 -10.22
N GLY B 60 -9.74 24.86 -10.07
CA GLY B 60 -10.49 24.32 -8.95
C GLY B 60 -10.70 22.83 -9.05
N THR B 61 -10.42 22.24 -10.22
CA THR B 61 -10.55 20.79 -10.42
C THR B 61 -9.25 20.07 -10.80
N PRO B 62 -9.04 18.89 -10.18
CA PRO B 62 -7.78 18.18 -10.38
C PRO B 62 -7.58 17.66 -11.79
N MSE B 63 -6.34 17.70 -12.25
CA MSE B 63 -6.00 16.94 -13.44
C MSE B 63 -6.15 15.46 -13.13
O MSE B 63 -5.60 15.00 -12.15
CB MSE B 63 -4.58 17.32 -13.84
CG MSE B 63 -4.57 18.70 -14.49
SE MSE B 63 -2.74 19.46 -14.60
CE MSE B 63 -3.25 21.30 -14.16
N LYS B 64 -6.93 14.74 -13.94
CA LYS B 64 -6.88 13.27 -13.96
C LYS B 64 -5.43 12.87 -14.26
N GLY B 65 -5.02 11.66 -13.90
CA GLY B 65 -3.60 11.29 -14.04
C GLY B 65 -3.27 10.82 -15.44
N ASP B 66 -3.46 11.75 -16.38
CA ASP B 66 -3.30 11.50 -17.82
C ASP B 66 -2.37 12.53 -18.45
N GLY B 67 -1.54 13.16 -17.62
CA GLY B 67 -0.63 14.19 -18.07
C GLY B 67 -1.25 15.57 -18.27
N GLY B 68 -2.52 15.74 -17.90
CA GLY B 68 -3.22 17.01 -18.02
C GLY B 68 -4.06 17.19 -19.29
N ASP B 69 -4.19 16.15 -20.11
CA ASP B 69 -4.77 16.37 -21.46
C ASP B 69 -6.30 16.43 -21.50
N GLU B 70 -6.96 15.67 -20.64
CA GLU B 70 -8.42 15.77 -20.49
C GLU B 70 -8.75 17.18 -20.00
N TRP B 71 -8.00 17.63 -19.00
CA TRP B 71 -8.12 18.96 -18.46
C TRP B 71 -7.92 20.02 -19.56
N MSE B 72 -6.87 19.87 -20.35
CA MSE B 72 -6.56 20.84 -21.38
C MSE B 72 -7.65 20.89 -22.42
O MSE B 72 -7.99 21.95 -22.91
CB MSE B 72 -5.22 20.53 -22.05
CG MSE B 72 -4.77 21.65 -22.99
SE MSE B 72 -4.35 23.31 -22.04
CE MSE B 72 -2.65 22.69 -21.31
N ALA B 73 -8.20 19.74 -22.78
CA ALA B 73 -9.28 19.68 -23.78
C ALA B 73 -10.49 20.43 -23.27
N ALA B 74 -10.75 20.27 -21.98
CA ALA B 74 -11.86 21.00 -21.34
C ALA B 74 -11.64 22.51 -21.32
N VAL B 75 -10.43 22.93 -21.00
CA VAL B 75 -10.10 24.35 -21.08
C VAL B 75 -10.31 24.87 -22.52
N MSE B 76 -9.86 24.11 -23.51
CA MSE B 76 -9.97 24.54 -24.91
C MSE B 76 -11.43 24.68 -25.30
O MSE B 76 -11.78 25.60 -26.05
CB MSE B 76 -9.23 23.61 -25.87
CG MSE B 76 -9.20 24.23 -27.29
SE MSE B 76 -8.15 23.04 -28.41
CE MSE B 76 -6.60 24.19 -28.66
N ARG B 77 -12.29 23.81 -24.81
CA ARG B 77 -13.72 23.93 -25.14
C ARG B 77 -14.33 25.23 -24.63
N LYS B 78 -13.83 25.72 -23.49
CA LYS B 78 -14.38 26.92 -22.87
C LYS B 78 -13.72 28.17 -23.37
N ASN B 79 -12.40 28.09 -23.62
CA ASN B 79 -11.63 29.26 -23.91
C ASN B 79 -10.40 28.87 -24.72
N HIS B 80 -10.55 28.89 -26.04
CA HIS B 80 -9.51 28.42 -26.95
C HIS B 80 -8.23 29.23 -26.83
N ALA B 81 -8.34 30.54 -26.71
CA ALA B 81 -7.17 31.40 -26.58
C ALA B 81 -6.37 31.06 -25.33
N LEU B 82 -7.08 30.83 -24.23
CA LEU B 82 -6.40 30.44 -22.98
C LEU B 82 -5.69 29.09 -23.16
N ALA B 83 -6.35 28.11 -23.75
CA ALA B 83 -5.74 26.79 -23.98
C ALA B 83 -4.49 26.92 -24.84
N LEU B 84 -4.54 27.73 -25.90
CA LEU B 84 -3.36 27.91 -26.74
C LEU B 84 -2.18 28.42 -25.95
N ARG B 85 -2.43 29.35 -25.06
CA ARG B 85 -1.40 29.92 -24.26
C ARG B 85 -0.85 28.88 -23.26
N LEU B 86 -1.73 28.14 -22.62
CA LEU B 86 -1.28 27.08 -21.68
C LEU B 86 -0.44 26.03 -22.42
N MSE B 87 -0.88 25.63 -23.62
CA MSE B 87 -0.15 24.65 -24.44
C MSE B 87 1.23 25.16 -24.79
O MSE B 87 2.21 24.41 -24.70
CB MSE B 87 -0.96 24.34 -25.70
CG MSE B 87 -2.12 23.43 -25.34
SE MSE B 87 -3.60 23.70 -26.64
CE MSE B 87 -2.84 22.66 -28.09
N GLU B 88 1.33 26.44 -25.16
CA GLU B 88 2.60 27.06 -25.53
C GLU B 88 3.57 27.00 -24.35
N VAL B 89 3.07 27.37 -23.18
CA VAL B 89 3.90 27.49 -22.00
C VAL B 89 4.34 26.13 -21.52
N ARG B 90 3.45 25.13 -21.51
CA ARG B 90 3.90 23.81 -21.04
C ARG B 90 4.93 23.18 -21.99
N GLU B 91 4.86 23.47 -23.29
CA GLU B 91 5.86 23.02 -24.23
C GLU B 91 7.18 23.79 -24.08
N ALA B 92 7.09 25.10 -23.91
CA ALA B 92 8.29 25.90 -23.66
C ALA B 92 8.99 25.43 -22.39
N TYR B 93 8.21 24.96 -21.43
CA TYR B 93 8.78 24.60 -20.13
C TYR B 93 9.67 23.37 -20.25
N LEU B 94 9.46 22.55 -21.26
CA LEU B 94 10.30 21.38 -21.47
C LEU B 94 11.78 21.75 -21.56
N ASP B 95 12.06 22.95 -22.06
CA ASP B 95 13.44 23.42 -22.22
C ASP B 95 13.98 24.13 -21.00
N GLU B 96 13.11 24.45 -20.05
CA GLU B 96 13.47 25.16 -18.83
C GLU B 96 13.61 24.24 -17.62
N PHE B 97 12.83 23.17 -17.59
CA PHE B 97 12.80 22.20 -16.45
C PHE B 97 14.14 21.49 -16.29
N GLU B 98 14.74 21.61 -15.12
CA GLU B 98 16.10 21.08 -14.93
C GLU B 98 16.04 19.62 -14.44
N TRP B 99 15.76 18.73 -15.37
CA TRP B 99 15.63 17.31 -15.08
C TRP B 99 16.93 16.75 -14.50
N GLY B 100 18.07 17.24 -14.94
CA GLY B 100 19.33 16.77 -14.36
C GLY B 100 19.41 17.05 -12.89
N LYS B 101 18.95 18.22 -12.49
CA LYS B 101 18.90 18.57 -11.07
C LYS B 101 17.95 17.66 -10.29
N THR B 102 16.80 17.34 -10.86
CA THR B 102 15.88 16.41 -10.27
C THR B 102 16.57 15.08 -10.01
N MSE B 103 17.29 14.57 -11.00
CA MSE B 103 18.05 13.33 -10.87
C MSE B 103 19.08 13.46 -9.75
O MSE B 103 19.21 12.55 -8.91
CB MSE B 103 18.73 12.91 -12.20
CG MSE B 103 19.63 11.70 -12.00
SE MSE B 103 20.52 11.30 -13.72
CE MSE B 103 21.85 12.74 -13.76
N GLU B 104 19.81 14.57 -9.70
CA GLU B 104 20.84 14.73 -8.68
C GLU B 104 20.20 14.70 -7.29
N MSE B 105 19.11 15.46 -7.12
CA MSE B 105 18.46 15.52 -5.80
C MSE B 105 17.91 14.18 -5.41
O MSE B 105 18.12 13.76 -4.28
CB MSE B 105 17.35 16.59 -5.78
CG MSE B 105 17.97 17.96 -5.76
SE MSE B 105 16.57 19.35 -5.65
CE MSE B 105 15.92 19.32 -7.50
N ALA B 106 17.24 13.50 -6.34
CA ALA B 106 16.60 12.22 -6.01
C ALA B 106 17.66 11.23 -5.58
N SER B 107 18.78 11.22 -6.30
CA SER B 107 19.89 10.29 -6.04
C SER B 107 20.62 10.63 -4.73
N ARG B 108 21.04 11.88 -4.61
CA ARG B 108 21.79 12.33 -3.42
C ARG B 108 20.97 12.15 -2.16
N GLU B 109 19.70 12.54 -2.21
CA GLU B 109 18.87 12.48 -1.01
C GLU B 109 18.42 11.07 -0.66
N THR B 110 18.44 10.13 -1.62
CA THR B 110 18.23 8.73 -1.30
C THR B 110 19.43 8.25 -0.48
N ARG B 111 20.64 8.54 -0.96
CA ARG B 111 21.87 8.14 -0.27
C ARG B 111 21.92 8.75 1.12
N GLU B 112 21.55 10.02 1.21
CA GLU B 112 21.57 10.70 2.51
C GLU B 112 20.54 10.12 3.45
N ALA B 113 19.32 9.85 2.98
CA ALA B 113 18.31 9.26 3.82
C ALA B 113 18.68 7.87 4.31
N ASN B 114 19.24 7.06 3.42
CA ASN B 114 19.68 5.71 3.82
C ASN B 114 20.77 5.85 4.87
N THR B 115 21.73 6.73 4.65
CA THR B 115 22.84 6.90 5.61
C THR B 115 22.31 7.33 6.96
N ARG B 116 21.37 8.28 6.97
CA ARG B 116 20.77 8.78 8.24
C ARG B 116 20.09 7.66 9.00
N LEU B 117 19.29 6.87 8.30
CA LEU B 117 18.53 5.81 8.93
C LEU B 117 19.45 4.72 9.45
N MSE B 118 20.45 4.36 8.66
CA MSE B 118 21.40 3.33 9.05
C MSE B 118 22.20 3.80 10.24
O MSE B 118 22.42 3.00 11.16
CB MSE B 118 22.26 2.98 7.86
CG MSE B 118 21.38 2.17 6.92
SE MSE B 118 22.36 1.88 5.22
CE MSE B 118 20.92 1.35 3.99
N ARG B 119 22.60 5.06 10.27
CA ARG B 119 23.38 5.59 11.41
C ARG B 119 22.54 5.54 12.67
N ALA B 120 21.25 5.83 12.53
CA ALA B 120 20.38 5.93 13.70
C ALA B 120 20.24 4.60 14.41
N ALA B 121 20.32 3.51 13.65
CA ALA B 121 20.11 2.17 14.17
C ALA B 121 21.40 1.43 14.43
N ALA B 122 22.52 2.02 14.05
CA ALA B 122 23.81 1.37 14.07
C ALA B 122 24.33 1.19 15.49
N MSE B 123 24.87 0.00 15.74
CA MSE B 123 25.75 -0.20 16.89
C MSE B 123 27.07 -0.77 16.44
O MSE B 123 28.05 -0.68 17.18
OXT MSE B 123 27.18 -1.35 15.36
CB MSE B 123 25.12 -1.13 17.88
CG MSE B 123 23.98 -0.41 18.56
SE MSE B 123 22.85 -1.71 19.47
CE MSE B 123 21.96 -2.24 17.81
N MSE C 1 -1.92 -6.47 9.13
CA MSE C 1 -3.18 -7.22 9.35
C MSE C 1 -3.19 -7.58 10.80
O MSE C 1 -2.58 -8.57 11.20
CB MSE C 1 -3.22 -8.42 8.39
CG MSE C 1 -4.37 -9.38 8.57
SE MSE C 1 -4.19 -10.82 7.21
CE MSE C 1 -5.94 -11.73 7.40
N HIS C 2 -3.83 -6.74 11.61
CA HIS C 2 -4.00 -6.97 13.02
C HIS C 2 -5.51 -7.15 13.24
N ILE C 3 -5.92 -8.40 13.35
CA ILE C 3 -7.34 -8.70 13.33
C ILE C 3 -8.11 -8.08 14.51
N PRO C 4 -7.54 -8.07 15.73
CA PRO C 4 -8.34 -7.43 16.79
C PRO C 4 -8.79 -5.99 16.55
N ALA C 5 -8.11 -5.26 15.68
CA ALA C 5 -8.43 -3.87 15.37
C ALA C 5 -9.34 -3.69 14.15
N ASP C 6 -9.63 -4.79 13.44
CA ASP C 6 -10.53 -4.79 12.28
C ASP C 6 -12.03 -4.80 12.69
N SER C 7 -12.89 -4.50 11.72
CA SER C 7 -14.34 -4.42 11.96
C SER C 7 -14.62 -3.42 13.09
N PHE C 8 -15.64 -3.71 13.88
CA PHE C 8 -16.06 -2.80 14.95
C PHE C 8 -15.82 -3.36 16.32
N SER C 9 -15.66 -2.48 17.33
CA SER C 9 -15.61 -2.93 18.72
C SER C 9 -16.98 -3.49 19.08
N GLY C 10 -17.00 -4.74 19.52
CA GLY C 10 -18.24 -5.47 19.69
C GLY C 10 -18.47 -6.60 18.70
N ALA C 11 -17.65 -6.62 17.65
CA ALA C 11 -17.67 -7.72 16.68
C ALA C 11 -17.04 -8.95 17.27
N SER C 12 -17.51 -10.11 16.83
CA SER C 12 -16.86 -11.34 17.25
C SER C 12 -15.47 -11.51 16.66
N PRO C 13 -14.63 -12.38 17.25
CA PRO C 13 -13.34 -12.65 16.63
C PRO C 13 -13.48 -13.16 15.19
N GLU C 14 -14.51 -13.96 14.99
CA GLU C 14 -14.82 -14.52 13.67
C GLU C 14 -15.17 -13.44 12.63
N ARG C 15 -15.97 -12.45 13.04
N ARG C 15 -15.98 -12.45 13.04
CA ARG C 15 -16.28 -11.34 12.16
CA ARG C 15 -16.28 -11.32 12.15
C ARG C 15 -15.06 -10.45 11.91
C ARG C 15 -15.06 -10.45 11.91
N LYS C 16 -14.28 -10.18 12.96
CA LYS C 16 -13.04 -9.43 12.81
C LYS C 16 -12.14 -10.11 11.79
N ALA C 17 -11.99 -11.43 11.91
CA ALA C 17 -11.15 -12.19 10.98
C ALA C 17 -11.69 -12.12 9.57
N ALA C 18 -13.01 -12.20 9.43
CA ALA C 18 -13.64 -12.14 8.10
C ALA C 18 -13.38 -10.80 7.41
N VAL C 19 -13.55 -9.71 8.14
CA VAL C 19 -13.29 -8.40 7.57
C VAL C 19 -11.81 -8.21 7.22
N ALA C 20 -10.93 -8.68 8.09
CA ALA C 20 -9.49 -8.64 7.83
C ALA C 20 -9.14 -9.44 6.58
N LEU C 21 -9.75 -10.60 6.41
CA LEU C 21 -9.53 -11.39 5.21
C LEU C 21 -10.00 -10.63 3.95
N ARG C 22 -11.15 -9.98 4.05
CA ARG C 22 -11.70 -9.25 2.92
C ARG C 22 -10.69 -8.19 2.46
N SER C 23 -10.08 -7.50 3.41
CA SER C 23 -9.03 -6.53 3.09
C SER C 23 -7.82 -7.21 2.47
N LEU C 24 -7.41 -8.33 3.04
CA LEU C 24 -6.32 -9.11 2.44
C LEU C 24 -6.61 -9.49 0.97
N PHE C 25 -7.81 -9.98 0.71
CA PHE C 25 -8.16 -10.46 -0.62
C PHE C 25 -8.18 -9.28 -1.60
N THR C 26 -8.59 -8.11 -1.12
CA THR C 26 -8.56 -6.89 -1.96
C THR C 26 -7.13 -6.54 -2.35
N PHE C 27 -6.22 -6.64 -1.39
CA PHE C 27 -4.79 -6.41 -1.61
C PHE C 27 -4.18 -7.43 -2.55
N VAL C 28 -4.50 -8.71 -2.31
CA VAL C 28 -4.07 -9.77 -3.21
C VAL C 28 -4.50 -9.48 -4.64
N ALA C 29 -5.78 -9.11 -4.81
CA ALA C 29 -6.32 -8.79 -6.12
C ALA C 29 -5.56 -7.66 -6.78
N ALA C 30 -5.28 -6.62 -6.02
CA ALA C 30 -4.55 -5.47 -6.57
C ALA C 30 -3.17 -5.88 -7.06
N ARG C 31 -2.49 -6.73 -6.29
CA ARG C 31 -1.18 -7.21 -6.71
C ARG C 31 -1.28 -8.07 -7.96
N VAL C 32 -2.29 -8.93 -8.05
CA VAL C 32 -2.53 -9.75 -9.23
C VAL C 32 -2.73 -8.87 -10.47
N VAL C 33 -3.60 -7.87 -10.34
CA VAL C 33 -3.95 -7.02 -11.46
C VAL C 33 -2.75 -6.19 -11.86
N LEU C 34 -1.99 -5.70 -10.90
CA LEU C 34 -0.80 -4.90 -11.25
C LEU C 34 0.19 -5.73 -12.08
N GLU C 35 0.41 -6.98 -11.69
CA GLU C 35 1.33 -7.88 -12.39
C GLU C 35 0.83 -8.12 -13.83
N GLN C 36 -0.47 -8.32 -13.95
CA GLN C 36 -1.08 -8.53 -15.27
C GLN C 36 -0.96 -7.33 -16.18
N LEU C 37 -1.04 -6.12 -15.61
CA LEU C 37 -0.97 -4.89 -16.39
C LEU C 37 0.43 -4.60 -16.88
N GLN C 38 1.44 -5.21 -16.28
CA GLN C 38 2.79 -5.02 -16.79
C GLN C 38 3.56 -6.28 -17.19
N GLY C 39 2.95 -7.46 -17.15
CA GLY C 39 3.70 -8.71 -17.30
C GLY C 39 3.50 -9.45 -18.62
N THR C 46 -3.76 1.44 -23.84
CA THR C 46 -4.51 2.69 -23.79
C THR C 46 -5.39 2.70 -22.55
N TYR C 47 -6.46 1.91 -22.59
CA TYR C 47 -7.28 1.65 -21.41
C TYR C 47 -6.40 0.99 -20.35
N ASN C 48 -5.57 0.06 -20.80
CA ASN C 48 -4.69 -0.67 -19.91
C ASN C 48 -3.62 0.25 -19.37
N GLN C 49 -3.07 1.17 -20.19
CA GLN C 49 -2.05 2.08 -19.70
C GLN C 49 -2.60 2.92 -18.58
N GLN C 50 -3.82 3.42 -18.76
CA GLN C 50 -4.42 4.29 -17.76
C GLN C 50 -4.74 3.49 -16.49
N ALA C 51 -5.14 2.24 -16.66
CA ALA C 51 -5.42 1.38 -15.52
C ALA C 51 -4.14 1.13 -14.71
N TYR C 52 -3.02 0.90 -15.40
CA TYR C 52 -1.72 0.76 -14.74
C TYR C 52 -1.37 2.04 -13.97
N LEU C 53 -1.49 3.19 -14.62
CA LEU C 53 -1.16 4.46 -13.95
C LEU C 53 -2.01 4.65 -12.71
N ASP C 54 -3.31 4.39 -12.81
CA ASP C 54 -4.23 4.62 -11.68
C ASP C 54 -3.95 3.61 -10.56
N LEU C 55 -3.71 2.35 -10.92
CA LEU C 55 -3.49 1.33 -9.91
C LEU C 55 -2.23 1.64 -9.13
N MSE C 56 -1.21 2.12 -9.84
CA MSE C 56 0.03 2.53 -9.16
C MSE C 56 -0.28 3.62 -8.14
O MSE C 56 0.25 3.56 -7.02
CB MSE C 56 1.06 3.01 -10.19
CG MSE C 56 1.71 1.92 -11.05
SE MSE C 56 3.02 0.80 -10.14
CE MSE C 56 4.50 2.12 -10.21
N ASP C 57 -1.09 4.62 -8.49
CA ASP C 57 -1.49 5.68 -7.54
C ASP C 57 -2.18 5.11 -6.32
N PHE C 58 -3.16 4.24 -6.55
CA PHE C 58 -3.99 3.73 -5.46
C PHE C 58 -3.28 2.77 -4.55
N LEU C 59 -2.29 2.06 -5.07
CA LEU C 59 -1.46 1.24 -4.19
C LEU C 59 -0.57 2.08 -3.28
N GLY C 60 -0.41 3.36 -3.60
CA GLY C 60 0.19 4.33 -2.68
C GLY C 60 -0.69 4.74 -1.50
N THR C 61 -1.95 4.27 -1.45
CA THR C 61 -2.88 4.60 -0.34
C THR C 61 -3.44 3.40 0.47
N PRO C 62 -3.73 3.62 1.78
CA PRO C 62 -4.30 2.60 2.68
C PRO C 62 -5.76 2.26 2.43
N MSE C 63 -6.03 0.98 2.29
CA MSE C 63 -7.37 0.48 2.13
C MSE C 63 -7.65 -0.25 3.39
O MSE C 63 -7.88 -1.48 3.40
CB MSE C 63 -7.30 -0.51 1.00
CG MSE C 63 -6.28 -1.58 1.35
SE MSE C 63 -6.99 -3.21 0.58
CE MSE C 63 -5.80 -2.87 -0.98
N LYS C 64 -7.61 0.48 4.49
CA LYS C 64 -7.69 -0.10 5.81
C LYS C 64 -9.12 -0.53 6.11
N GLY C 65 -10.06 0.38 5.95
CA GLY C 65 -11.40 0.14 6.50
C GLY C 65 -12.33 -0.73 5.67
N ASP C 66 -13.31 -1.36 6.34
CA ASP C 66 -14.40 -2.00 5.67
C ASP C 66 -13.97 -3.05 4.65
N GLY C 67 -12.99 -3.90 4.94
CA GLY C 67 -12.73 -5.00 4.03
C GLY C 67 -12.18 -4.57 2.67
N GLY C 68 -11.65 -3.35 2.60
CA GLY C 68 -11.17 -2.79 1.33
C GLY C 68 -12.20 -2.03 0.52
N ASP C 69 -13.39 -1.85 1.08
CA ASP C 69 -14.47 -1.29 0.25
C ASP C 69 -14.41 0.24 0.10
N GLU C 70 -13.91 0.93 1.11
CA GLU C 70 -13.63 2.37 0.99
C GLU C 70 -12.58 2.65 -0.11
N TRP C 71 -11.51 1.87 -0.07
CA TRP C 71 -10.47 1.91 -1.12
C TRP C 71 -11.07 1.60 -2.49
N MSE C 72 -11.89 0.54 -2.57
CA MSE C 72 -12.49 0.15 -3.84
C MSE C 72 -13.41 1.23 -4.38
O MSE C 72 -13.43 1.45 -5.58
CB MSE C 72 -13.26 -1.17 -3.70
CG MSE C 72 -13.65 -1.72 -5.06
SE MSE C 72 -12.12 -2.28 -6.15
CE MSE C 72 -11.73 -3.88 -5.13
N ALA C 73 -14.17 1.89 -3.52
CA ALA C 73 -15.08 2.92 -3.96
C ALA C 73 -14.27 4.07 -4.56
N ALA C 74 -13.14 4.36 -3.94
CA ALA C 74 -12.21 5.40 -4.44
C ALA C 74 -11.62 5.06 -5.80
N VAL C 75 -11.20 3.82 -5.97
CA VAL C 75 -10.74 3.37 -7.26
C VAL C 75 -11.85 3.54 -8.31
N MSE C 76 -13.06 3.13 -7.97
CA MSE C 76 -14.16 3.15 -8.93
C MSE C 76 -14.46 4.57 -9.35
O MSE C 76 -14.80 4.79 -10.52
CB MSE C 76 -15.41 2.46 -8.39
CG MSE C 76 -16.48 2.33 -9.46
SE MSE C 76 -17.98 1.42 -8.63
CE MSE C 76 -17.80 -0.26 -9.66
N ARG C 77 -14.33 5.52 -8.44
CA ARG C 77 -14.58 6.93 -8.81
C ARG C 77 -13.59 7.42 -9.86
N LYS C 78 -12.37 6.89 -9.84
CA LYS C 78 -11.34 7.31 -10.77
C LYS C 78 -11.32 6.50 -12.05
N ASN C 79 -11.60 5.21 -11.94
CA ASN C 79 -11.42 4.30 -13.05
C ASN C 79 -12.33 3.11 -12.84
N HIS C 80 -13.52 3.24 -13.41
CA HIS C 80 -14.54 2.24 -13.23
C HIS C 80 -14.13 0.87 -13.77
N ALA C 81 -13.51 0.82 -14.94
CA ALA C 81 -13.05 -0.43 -15.55
C ALA C 81 -12.04 -1.16 -14.67
N LEU C 82 -11.13 -0.41 -14.10
CA LEU C 82 -10.12 -0.98 -13.20
C LEU C 82 -10.80 -1.56 -11.95
N ALA C 83 -11.73 -0.82 -11.37
CA ALA C 83 -12.47 -1.30 -10.19
C ALA C 83 -13.21 -2.57 -10.52
N LEU C 84 -13.85 -2.62 -11.68
CA LEU C 84 -14.56 -3.84 -12.06
C LEU C 84 -13.61 -5.04 -12.13
N ARG C 85 -12.41 -4.85 -12.65
CA ARG C 85 -11.44 -5.92 -12.74
C ARG C 85 -10.96 -6.34 -11.35
N LEU C 86 -10.68 -5.36 -10.47
CA LEU C 86 -10.23 -5.66 -9.11
C LEU C 86 -11.34 -6.42 -8.36
N MSE C 87 -12.60 -5.99 -8.54
CA MSE C 87 -13.74 -6.69 -7.91
C MSE C 87 -13.86 -8.11 -8.38
O MSE C 87 -14.08 -9.00 -7.57
CB MSE C 87 -15.03 -5.92 -8.23
CG MSE C 87 -15.09 -4.77 -7.22
SE MSE C 87 -16.79 -3.76 -7.15
CE MSE C 87 -16.09 -2.94 -8.72
N GLU C 88 -13.71 -8.33 -9.67
CA GLU C 88 -13.77 -9.68 -10.26
C GLU C 88 -12.70 -10.59 -9.66
N VAL C 89 -11.48 -10.07 -9.58
CA VAL C 89 -10.35 -10.84 -9.09
C VAL C 89 -10.50 -11.15 -7.60
N ARG C 90 -10.91 -10.18 -6.78
CA ARG C 90 -11.02 -10.46 -5.34
C ARG C 90 -12.16 -11.45 -5.04
N GLU C 91 -13.21 -11.43 -5.86
CA GLU C 91 -14.30 -12.38 -5.71
C GLU C 91 -13.85 -13.78 -6.18
N ALA C 92 -13.15 -13.85 -7.31
CA ALA C 92 -12.63 -15.13 -7.79
C ALA C 92 -11.66 -15.75 -6.80
N TYR C 93 -10.93 -14.89 -6.08
CA TYR C 93 -9.91 -15.35 -5.14
C TYR C 93 -10.54 -16.11 -3.96
N LEU C 94 -11.80 -15.84 -3.65
CA LEU C 94 -12.50 -16.59 -2.60
C LEU C 94 -12.43 -18.07 -2.80
N ASP C 95 -12.48 -18.51 -4.04
CA ASP C 95 -12.46 -19.97 -4.33
C ASP C 95 -11.04 -20.51 -4.58
N GLU C 96 -10.07 -19.63 -4.74
N GLU C 96 -10.08 -19.63 -4.76
CA GLU C 96 -8.66 -20.00 -4.88
CA GLU C 96 -8.68 -20.00 -4.89
C GLU C 96 -7.94 -20.13 -3.56
C GLU C 96 -8.06 -20.22 -3.52
N PHE C 97 -8.39 -19.33 -2.59
CA PHE C 97 -7.79 -19.30 -1.27
C PHE C 97 -7.98 -20.63 -0.57
N GLU C 98 -6.91 -21.11 0.02
CA GLU C 98 -6.92 -22.45 0.64
C GLU C 98 -7.36 -22.36 2.09
N TRP C 99 -8.67 -22.34 2.30
CA TRP C 99 -9.29 -22.09 3.60
C TRP C 99 -8.89 -23.11 4.64
N GLY C 100 -8.97 -24.38 4.28
CA GLY C 100 -8.64 -25.43 5.21
C GLY C 100 -7.20 -25.42 5.64
N LYS C 101 -6.32 -25.23 4.68
CA LYS C 101 -4.90 -25.12 4.97
C LYS C 101 -4.59 -23.99 5.94
N THR C 102 -5.24 -22.86 5.74
CA THR C 102 -4.99 -21.68 6.57
C THR C 102 -5.26 -21.97 8.05
N MSE C 103 -6.43 -22.52 8.36
CA MSE C 103 -6.79 -22.80 9.74
C MSE C 103 -5.92 -23.92 10.31
O MSE C 103 -5.50 -23.87 11.46
CB MSE C 103 -8.28 -23.11 9.85
CG MSE C 103 -8.71 -23.36 11.30
SE MSE C 103 -8.49 -21.77 12.46
CE MSE C 103 -8.91 -22.62 14.19
N GLU C 104 -5.61 -24.94 9.51
CA GLU C 104 -4.76 -26.01 10.03
C GLU C 104 -3.36 -25.53 10.33
N MSE C 105 -2.80 -24.69 9.46
CA MSE C 105 -1.50 -24.08 9.75
C MSE C 105 -1.53 -23.26 11.01
O MSE C 105 -0.63 -23.33 11.87
CB MSE C 105 -1.11 -23.32 8.51
CG MSE C 105 0.18 -22.56 8.65
SE MSE C 105 0.80 -21.84 6.93
CE MSE C 105 -0.85 -21.67 5.85
N ALA C 106 -2.55 -22.44 11.16
CA ALA C 106 -2.69 -21.60 12.37
C ALA C 106 -2.74 -22.46 13.62
N SER C 107 -3.44 -23.59 13.50
CA SER C 107 -3.66 -24.52 14.62
C SER C 107 -2.38 -25.28 14.98
N ARG C 108 -1.81 -25.92 13.98
CA ARG C 108 -0.56 -26.63 14.16
C ARG C 108 0.52 -25.73 14.71
N GLU C 109 0.69 -24.54 14.13
CA GLU C 109 1.78 -23.69 14.53
C GLU C 109 1.52 -23.07 15.90
N THR C 110 0.27 -23.00 16.34
CA THR C 110 -0.02 -22.57 17.72
C THR C 110 0.47 -23.64 18.70
N ARG C 111 0.11 -24.89 18.43
N ARG C 111 0.10 -24.90 18.43
CA ARG C 111 0.55 -26.03 19.26
CA ARG C 111 0.54 -26.03 19.27
C ARG C 111 2.08 -26.10 19.29
C ARG C 111 2.07 -26.11 19.30
N GLU C 112 2.71 -25.95 18.14
CA GLU C 112 4.15 -26.05 18.05
C GLU C 112 4.83 -24.90 18.76
N ALA C 113 4.25 -23.70 18.65
CA ALA C 113 4.85 -22.55 19.28
C ALA C 113 4.81 -22.70 20.78
N ASN C 114 3.70 -23.23 21.30
CA ASN C 114 3.59 -23.42 22.74
C ASN C 114 4.69 -24.38 23.20
N THR C 115 4.82 -25.49 22.50
CA THR C 115 5.81 -26.49 22.87
C THR C 115 7.21 -25.90 22.79
N ARG C 116 7.48 -25.14 21.74
CA ARG C 116 8.79 -24.51 21.55
C ARG C 116 9.10 -23.55 22.68
N LEU C 117 8.13 -22.72 23.05
CA LEU C 117 8.33 -21.73 24.09
C LEU C 117 8.60 -22.38 25.43
N MSE C 118 7.86 -23.44 25.74
CA MSE C 118 8.07 -24.13 27.00
C MSE C 118 9.46 -24.70 27.04
O MSE C 118 10.17 -24.56 28.04
CB MSE C 118 7.02 -25.20 27.14
CG MSE C 118 5.72 -24.51 27.52
SE MSE C 118 4.31 -25.86 27.71
CE MSE C 118 3.55 -26.02 25.90
N ARG C 119 9.90 -25.32 25.96
CA ARG C 119 11.22 -25.92 25.91
C ARG C 119 12.34 -24.89 25.98
N ALA C 120 12.14 -23.74 25.36
CA ALA C 120 13.17 -22.71 25.25
C ALA C 120 13.48 -22.12 26.61
N ALA C 121 12.47 -22.09 27.47
CA ALA C 121 12.61 -21.57 28.80
C ALA C 121 12.92 -22.73 29.73
N MSE D 1 -3.47 -47.14 2.64
CA MSE D 1 -2.76 -46.04 3.38
C MSE D 1 -3.32 -44.67 3.10
O MSE D 1 -3.43 -44.22 1.96
CB MSE D 1 -1.29 -46.03 2.96
CG MSE D 1 -0.42 -44.94 3.59
SE MSE D 1 1.39 -44.94 2.78
CE MSE D 1 1.85 -46.84 2.93
N HIS D 2 -3.60 -43.94 4.16
CA HIS D 2 -4.17 -42.61 3.97
C HIS D 2 -3.07 -41.56 4.03
N ILE D 3 -3.10 -40.64 3.08
CA ILE D 3 -2.13 -39.57 3.04
C ILE D 3 -2.79 -38.28 3.53
N PRO D 4 -2.28 -37.67 4.60
CA PRO D 4 -2.92 -36.52 5.21
C PRO D 4 -3.00 -35.33 4.23
N ALA D 5 -4.10 -34.58 4.32
CA ALA D 5 -4.28 -33.40 3.46
C ALA D 5 -3.13 -32.45 3.72
N ASP D 6 -2.67 -31.79 2.67
CA ASP D 6 -1.59 -30.83 2.78
C ASP D 6 -2.01 -29.54 3.45
N SER D 7 -1.36 -29.13 4.53
CA SER D 7 -1.65 -27.82 5.16
C SER D 7 -0.32 -27.11 5.46
N PHE D 8 0.67 -27.35 4.60
CA PHE D 8 1.95 -26.61 4.67
C PHE D 8 2.03 -25.54 3.60
N SER D 9 2.70 -24.43 3.93
CA SER D 9 2.85 -23.32 3.01
C SER D 9 4.06 -22.49 3.37
N GLY D 10 4.76 -22.01 2.34
CA GLY D 10 5.77 -20.99 2.54
C GLY D 10 5.13 -19.62 2.49
N ALA D 11 5.84 -18.62 1.95
CA ALA D 11 5.30 -17.27 1.95
C ALA D 11 4.10 -17.24 1.00
N SER D 12 2.91 -17.00 1.55
CA SER D 12 1.67 -16.99 0.79
C SER D 12 0.60 -16.17 1.53
N PRO D 13 -0.47 -15.77 0.84
CA PRO D 13 -1.59 -15.15 1.57
C PRO D 13 -2.17 -16.07 2.65
N GLU D 14 -2.16 -17.37 2.42
CA GLU D 14 -2.60 -18.32 3.42
C GLU D 14 -1.75 -18.28 4.68
N ARG D 15 -0.42 -18.21 4.50
CA ARG D 15 0.47 -18.07 5.62
C ARG D 15 0.26 -16.72 6.34
N LYS D 16 0.11 -15.65 5.57
CA LYS D 16 -0.15 -14.35 6.18
C LYS D 16 -1.41 -14.40 7.06
N ALA D 17 -2.47 -14.98 6.51
CA ALA D 17 -3.73 -15.11 7.23
C ALA D 17 -3.58 -15.99 8.46
N ALA D 18 -2.86 -17.09 8.30
CA ALA D 18 -2.64 -18.03 9.39
C ALA D 18 -1.95 -17.38 10.58
N VAL D 19 -0.89 -16.62 10.30
CA VAL D 19 -0.14 -15.94 11.37
C VAL D 19 -0.99 -14.84 12.00
N ALA D 20 -1.80 -14.16 11.20
CA ALA D 20 -2.75 -13.17 11.73
C ALA D 20 -3.76 -13.83 12.65
N LEU D 21 -4.24 -15.01 12.28
CA LEU D 21 -5.14 -15.77 13.14
C LEU D 21 -4.46 -16.15 14.46
N ARG D 22 -3.21 -16.57 14.38
CA ARG D 22 -2.46 -16.98 15.57
C ARG D 22 -2.37 -15.80 16.56
N SER D 23 -2.13 -14.61 16.01
CA SER D 23 -2.09 -13.42 16.87
C SER D 23 -3.46 -13.14 17.46
N LEU D 24 -4.52 -13.27 16.65
CA LEU D 24 -5.88 -13.13 17.17
C LEU D 24 -6.15 -14.09 18.33
N PHE D 25 -5.73 -15.34 18.19
CA PHE D 25 -6.00 -16.33 19.22
C PHE D 25 -5.24 -15.99 20.50
N THR D 26 -4.02 -15.48 20.35
CA THR D 26 -3.23 -15.05 21.50
C THR D 26 -3.95 -13.88 22.23
N PHE D 27 -4.46 -12.93 21.46
CA PHE D 27 -5.19 -11.77 22.01
C PHE D 27 -6.47 -12.20 22.70
N VAL D 28 -7.22 -13.10 22.05
CA VAL D 28 -8.43 -13.61 22.67
C VAL D 28 -8.09 -14.31 24.02
N ALA D 29 -7.05 -15.13 24.02
CA ALA D 29 -6.63 -15.83 25.24
C ALA D 29 -6.30 -14.85 26.33
N ALA D 30 -5.62 -13.77 25.99
CA ALA D 30 -5.29 -12.74 26.99
C ALA D 30 -6.53 -12.15 27.62
N ARG D 31 -7.53 -11.86 26.79
N ARG D 31 -7.57 -11.92 26.81
CA ARG D 31 -8.78 -11.33 27.32
CA ARG D 31 -8.83 -11.34 27.33
C ARG D 31 -9.52 -12.33 28.23
C ARG D 31 -9.61 -12.33 28.18
N VAL D 32 -9.55 -13.61 27.81
CA VAL D 32 -10.16 -14.64 28.62
C VAL D 32 -9.46 -14.77 29.98
N VAL D 33 -8.14 -14.79 29.96
CA VAL D 33 -7.36 -14.97 31.20
C VAL D 33 -7.50 -13.75 32.09
N LEU D 34 -7.50 -12.57 31.50
CA LEU D 34 -7.64 -11.36 32.31
C LEU D 34 -8.94 -11.43 33.11
N GLU D 35 -10.02 -11.88 32.48
CA GLU D 35 -11.30 -12.02 33.16
C GLU D 35 -11.23 -13.07 34.27
N GLN D 36 -10.59 -14.18 33.99
CA GLN D 36 -10.40 -15.24 34.98
C GLN D 36 -9.56 -14.80 36.17
N LEU D 37 -8.59 -13.93 35.96
CA LEU D 37 -7.73 -13.45 37.05
C LEU D 37 -8.41 -12.43 37.94
N GLN D 38 -9.43 -11.75 37.42
CA GLN D 38 -10.10 -10.68 38.11
C GLN D 38 -11.42 -11.31 38.49
N GLY D 39 -11.34 -12.54 38.98
CA GLY D 39 -12.50 -13.40 39.12
C GLY D 39 -13.51 -12.87 40.12
N PRO D 40 -14.51 -13.70 40.45
CA PRO D 40 -15.40 -13.38 41.53
C PRO D 40 -14.59 -13.22 42.83
N GLY D 41 -14.58 -11.99 43.34
CA GLY D 41 -13.59 -11.53 44.32
C GLY D 41 -13.61 -12.18 45.70
N GLY D 42 -12.74 -13.18 45.89
CA GLY D 42 -12.46 -13.74 47.22
C GLY D 42 -10.97 -14.00 47.41
N PRO D 43 -10.62 -14.95 48.29
CA PRO D 43 -9.27 -15.49 48.41
C PRO D 43 -8.53 -15.74 47.09
N GLU D 44 -9.19 -16.38 46.12
CA GLU D 44 -8.55 -16.66 44.83
C GLU D 44 -8.19 -15.35 44.11
N THR D 45 -9.11 -14.39 44.13
CA THR D 45 -8.88 -13.10 43.48
C THR D 45 -7.72 -12.36 44.13
N THR D 46 -7.67 -12.42 45.45
CA THR D 46 -6.56 -11.88 46.22
C THR D 46 -5.20 -12.50 45.81
N TYR D 47 -5.20 -13.82 45.61
CA TYR D 47 -4.01 -14.55 45.16
C TYR D 47 -3.59 -14.15 43.74
N ASN D 48 -4.58 -13.90 42.89
CA ASN D 48 -4.38 -13.61 41.44
C ASN D 48 -3.93 -12.20 41.09
N GLN D 49 -3.94 -11.32 42.08
CA GLN D 49 -3.56 -9.90 41.91
C GLN D 49 -2.31 -9.55 41.05
N GLN D 50 -1.16 -10.11 41.36
CA GLN D 50 0.06 -9.77 40.62
C GLN D 50 -0.01 -10.27 39.16
N ALA D 51 -0.58 -11.45 38.97
CA ALA D 51 -0.72 -11.98 37.60
C ALA D 51 -1.62 -11.07 36.78
N TYR D 52 -2.70 -10.59 37.40
CA TYR D 52 -3.62 -9.63 36.77
C TYR D 52 -2.86 -8.37 36.37
N LEU D 53 -2.08 -7.83 37.29
CA LEU D 53 -1.32 -6.60 37.01
C LEU D 53 -0.29 -6.81 35.90
N ASP D 54 0.39 -7.97 35.88
CA ASP D 54 1.38 -8.28 34.84
C ASP D 54 0.68 -8.37 33.50
N LEU D 55 -0.45 -9.06 33.47
CA LEU D 55 -1.20 -9.18 32.22
C LEU D 55 -1.69 -7.82 31.72
N MSE D 56 -2.17 -6.99 32.63
CA MSE D 56 -2.62 -5.64 32.27
C MSE D 56 -1.48 -4.86 31.66
O MSE D 56 -1.65 -4.19 30.65
CB MSE D 56 -3.16 -4.93 33.53
CG MSE D 56 -4.11 -3.78 33.16
SE MSE D 56 -5.70 -4.36 32.10
CE MSE D 56 -5.89 -2.63 31.14
N ASP D 57 -0.28 -4.95 32.24
CA ASP D 57 0.90 -4.30 31.67
C ASP D 57 1.20 -4.81 30.26
N PHE D 58 1.23 -6.13 30.09
CA PHE D 58 1.60 -6.71 28.80
C PHE D 58 0.57 -6.45 27.72
N LEU D 59 -0.68 -6.28 28.11
CA LEU D 59 -1.69 -5.86 27.15
C LEU D 59 -1.49 -4.43 26.67
N GLY D 60 -0.68 -3.65 27.39
CA GLY D 60 -0.22 -2.35 26.93
C GLY D 60 0.91 -2.43 25.91
N THR D 61 1.40 -3.64 25.64
CA THR D 61 2.50 -3.83 24.71
C THR D 61 1.93 -4.35 23.40
N PRO D 62 2.28 -3.70 22.27
CA PRO D 62 1.87 -4.22 20.97
C PRO D 62 2.37 -5.65 20.71
N MSE D 63 1.48 -6.51 20.23
CA MSE D 63 1.88 -7.82 19.74
C MSE D 63 2.47 -7.69 18.37
O MSE D 63 1.79 -7.34 17.42
CB MSE D 63 0.71 -8.80 19.62
CG MSE D 63 0.53 -9.72 20.82
SE MSE D 63 -1.09 -10.87 20.63
CE MSE D 63 -1.78 -10.31 22.38
N LYS D 64 3.76 -8.02 18.24
CA LYS D 64 4.39 -8.16 16.92
C LYS D 64 3.57 -9.13 16.05
N GLY D 65 3.58 -8.92 14.75
CA GLY D 65 2.79 -9.77 13.85
C GLY D 65 3.50 -11.07 13.53
N ASP D 66 3.72 -11.86 14.58
CA ASP D 66 4.40 -13.16 14.52
C ASP D 66 3.58 -14.27 15.17
N GLY D 67 2.28 -14.05 15.24
CA GLY D 67 1.39 -14.97 15.92
C GLY D 67 1.32 -14.81 17.41
N GLY D 68 2.00 -13.81 17.96
CA GLY D 68 1.99 -13.54 19.38
C GLY D 68 3.12 -14.19 20.16
N ASP D 69 4.08 -14.80 19.47
CA ASP D 69 5.10 -15.58 20.17
C ASP D 69 6.22 -14.78 20.84
N GLU D 70 6.61 -13.68 20.22
N GLU D 70 6.65 -13.67 20.25
CA GLU D 70 7.56 -12.74 20.84
CA GLU D 70 7.60 -12.79 20.95
C GLU D 70 6.94 -12.17 22.12
C GLU D 70 6.92 -12.21 22.18
N TRP D 71 5.68 -11.76 22.03
CA TRP D 71 4.91 -11.29 23.18
C TRP D 71 4.84 -12.37 24.26
N MSE D 72 4.51 -13.60 23.87
CA MSE D 72 4.38 -14.70 24.81
C MSE D 72 5.68 -14.99 25.50
O MSE D 72 5.70 -15.27 26.69
CB MSE D 72 3.86 -15.96 24.11
CG MSE D 72 3.47 -17.06 25.10
SE MSE D 72 1.94 -16.54 26.22
CE MSE D 72 0.61 -16.81 24.82
N ALA D 73 6.80 -14.94 24.77
CA ALA D 73 8.12 -15.20 25.35
C ALA D 73 8.44 -14.13 26.39
N ALA D 74 8.05 -12.89 26.10
CA ALA D 74 8.21 -11.78 27.05
C ALA D 74 7.39 -11.97 28.31
N VAL D 75 6.13 -12.38 28.16
CA VAL D 75 5.30 -12.70 29.30
C VAL D 75 5.97 -13.80 30.14
N MSE D 76 6.46 -14.85 29.47
CA MSE D 76 7.04 -15.99 30.19
C MSE D 76 8.26 -15.56 30.96
O MSE D 76 8.48 -16.06 32.07
CB MSE D 76 7.35 -17.14 29.24
CG MSE D 76 7.76 -18.41 29.98
SE MSE D 76 7.98 -19.79 28.55
CE MSE D 76 6.52 -20.91 29.14
N ARG D 77 9.06 -14.65 30.43
CA ARG D 77 10.23 -14.17 31.16
C ARG D 77 9.85 -13.46 32.46
N LYS D 78 8.68 -12.80 32.49
CA LYS D 78 8.24 -12.06 33.67
C LYS D 78 7.41 -12.91 34.62
N ASN D 79 6.61 -13.81 34.08
CA ASN D 79 5.63 -14.55 34.86
C ASN D 79 5.31 -15.86 34.17
N HIS D 80 6.08 -16.88 34.50
CA HIS D 80 6.00 -18.18 33.86
C HIS D 80 4.61 -18.82 34.02
N ALA D 81 4.04 -18.77 35.21
CA ALA D 81 2.72 -19.35 35.45
C ALA D 81 1.64 -18.67 34.58
N LEU D 82 1.72 -17.36 34.45
CA LEU D 82 0.79 -16.62 33.61
C LEU D 82 0.93 -17.04 32.15
N ALA D 83 2.16 -17.11 31.66
CA ALA D 83 2.39 -17.57 30.29
C ALA D 83 1.80 -18.96 30.05
N LEU D 84 1.97 -19.89 31.00
CA LEU D 84 1.46 -21.22 30.80
C LEU D 84 -0.04 -21.20 30.63
N ARG D 85 -0.71 -20.36 31.41
CA ARG D 85 -2.12 -20.26 31.33
C ARG D 85 -2.57 -19.66 30.00
N LEU D 86 -1.89 -18.62 29.56
CA LEU D 86 -2.20 -18.00 28.26
C LEU D 86 -1.99 -18.97 27.09
N MSE D 87 -0.92 -19.75 27.15
CA MSE D 87 -0.67 -20.79 26.15
C MSE D 87 -1.75 -21.84 26.11
O MSE D 87 -2.21 -22.24 25.04
CB MSE D 87 0.70 -21.44 26.44
CG MSE D 87 1.77 -20.52 25.90
SE MSE D 87 3.56 -21.37 26.14
CE MSE D 87 3.57 -20.56 27.81
N GLU D 88 -2.19 -22.27 27.29
CA GLU D 88 -3.24 -23.29 27.37
C GLU D 88 -4.55 -22.78 26.73
N VAL D 89 -4.89 -21.53 27.02
CA VAL D 89 -6.14 -20.96 26.55
C VAL D 89 -6.12 -20.72 25.03
N ARG D 90 -5.00 -20.22 24.52
CA ARG D 90 -4.95 -19.97 23.08
C ARG D 90 -5.01 -21.28 22.28
N GLU D 91 -4.47 -22.35 22.85
CA GLU D 91 -4.58 -23.66 22.23
C GLU D 91 -6.02 -24.21 22.34
N ALA D 92 -6.64 -24.09 23.50
CA ALA D 92 -8.02 -24.50 23.68
C ALA D 92 -8.98 -23.74 22.73
N TYR D 93 -8.64 -22.49 22.46
CA TYR D 93 -9.49 -21.65 21.60
C TYR D 93 -9.52 -22.16 20.16
N LEU D 94 -8.51 -22.91 19.74
CA LEU D 94 -8.51 -23.49 18.38
C LEU D 94 -9.75 -24.36 18.13
N ASP D 95 -10.27 -24.96 19.17
CA ASP D 95 -11.44 -25.81 19.05
C ASP D 95 -12.76 -25.04 19.13
N GLU D 96 -12.70 -23.79 19.60
CA GLU D 96 -13.88 -22.94 19.79
C GLU D 96 -14.13 -21.95 18.64
N PHE D 97 -13.05 -21.49 18.03
CA PHE D 97 -13.11 -20.47 16.95
C PHE D 97 -13.85 -21.01 15.73
N GLU D 98 -14.88 -20.29 15.26
CA GLU D 98 -15.74 -20.81 14.18
C GLU D 98 -15.22 -20.29 12.83
N TRP D 99 -14.16 -20.93 12.36
CA TRP D 99 -13.55 -20.59 11.11
C TRP D 99 -14.49 -20.71 9.92
N GLY D 100 -15.40 -21.70 9.94
CA GLY D 100 -16.39 -21.81 8.88
C GLY D 100 -17.23 -20.58 8.76
N LYS D 101 -17.64 -20.01 9.89
N LYS D 101 -17.65 -20.01 9.90
CA LYS D 101 -18.40 -18.75 9.86
CA LYS D 101 -18.44 -18.78 9.89
C LYS D 101 -17.60 -17.58 9.33
C LYS D 101 -17.62 -17.59 9.35
N THR D 102 -16.33 -17.52 9.70
CA THR D 102 -15.44 -16.53 9.12
C THR D 102 -15.44 -16.65 7.59
N MSE D 103 -15.30 -17.88 7.08
CA MSE D 103 -15.28 -18.11 5.63
C MSE D 103 -16.58 -17.63 5.04
O MSE D 103 -16.58 -16.96 4.01
CB MSE D 103 -15.00 -19.58 5.30
CG MSE D 103 -15.15 -19.85 3.81
SE MSE D 103 -14.86 -21.78 3.52
CE MSE D 103 -16.57 -22.49 4.17
N GLU D 104 -17.71 -17.97 5.66
CA GLU D 104 -19.00 -17.61 5.13
C GLU D 104 -19.14 -16.10 5.03
N MSE D 105 -18.81 -15.42 6.13
CA MSE D 105 -18.93 -13.95 6.18
C MSE D 105 -18.01 -13.30 5.19
O MSE D 105 -18.44 -12.42 4.43
CB MSE D 105 -18.64 -13.41 7.58
CG MSE D 105 -19.80 -13.73 8.50
SE MSE D 105 -19.48 -12.94 10.29
CE MSE D 105 -18.18 -14.22 10.97
N ALA D 106 -16.77 -13.75 5.12
CA ALA D 106 -15.80 -13.12 4.18
C ALA D 106 -16.28 -13.25 2.73
N SER D 107 -16.80 -14.42 2.42
CA SER D 107 -17.24 -14.75 1.06
C SER D 107 -18.53 -14.01 0.73
N ARG D 108 -19.52 -14.15 1.59
CA ARG D 108 -20.84 -13.54 1.34
C ARG D 108 -20.68 -12.03 1.24
N GLU D 109 -19.92 -11.46 2.16
CA GLU D 109 -19.81 -9.98 2.22
C GLU D 109 -18.92 -9.41 1.12
N THR D 110 -18.04 -10.21 0.54
CA THR D 110 -17.33 -9.78 -0.66
C THR D 110 -18.31 -9.66 -1.80
N ARG D 111 -19.14 -10.68 -1.99
N ARG D 111 -19.16 -10.65 -1.97
CA ARG D 111 -20.17 -10.68 -3.03
CA ARG D 111 -20.13 -10.64 -3.04
C ARG D 111 -21.10 -9.50 -2.88
C ARG D 111 -21.21 -9.58 -2.88
N GLU D 112 -21.56 -9.27 -1.64
CA GLU D 112 -22.50 -8.18 -1.38
C GLU D 112 -21.84 -6.82 -1.62
N ALA D 113 -20.60 -6.67 -1.23
CA ALA D 113 -19.92 -5.39 -1.46
C ALA D 113 -19.74 -5.15 -2.94
N ASN D 114 -19.35 -6.19 -3.68
CA ASN D 114 -19.18 -6.06 -5.13
C ASN D 114 -20.50 -5.66 -5.78
N THR D 115 -21.60 -6.29 -5.36
CA THR D 115 -22.91 -5.94 -5.95
C THR D 115 -23.28 -4.49 -5.66
N ARG D 116 -23.06 -4.06 -4.43
CA ARG D 116 -23.34 -2.66 -4.03
C ARG D 116 -22.54 -1.68 -4.90
N LEU D 117 -21.25 -1.99 -5.10
CA LEU D 117 -20.40 -1.14 -5.92
C LEU D 117 -20.80 -1.13 -7.40
N MSE D 118 -21.13 -2.29 -7.92
N MSE D 118 -21.14 -2.28 -7.97
CA MSE D 118 -21.55 -2.43 -9.30
CA MSE D 118 -21.56 -2.28 -9.38
C MSE D 118 -22.81 -1.61 -9.55
C MSE D 118 -22.84 -1.53 -9.57
O MSE D 118 -22.96 -1.05 -10.63
O MSE D 118 -23.08 -0.99 -10.65
CB MSE D 118 -21.75 -3.87 -9.71
CB MSE D 118 -21.83 -3.55 -10.15
CG MSE D 118 -20.50 -4.46 -10.42
CG MSE D 118 -21.81 -4.81 -9.35
SE MSE D 118 -20.87 -4.39 -12.36
SE MSE D 118 -20.14 -5.66 -9.89
CE MSE D 118 -22.53 -5.41 -12.19
CE MSE D 118 -19.91 -6.87 -8.40
N ARG D 119 -23.70 -1.52 -8.56
CA ARG D 119 -24.91 -0.70 -8.66
C ARG D 119 -24.55 0.78 -8.72
N ALA D 120 -23.61 1.20 -7.88
CA ALA D 120 -23.10 2.58 -7.92
C ALA D 120 -22.42 2.88 -9.27
N ALA D 121 -21.87 1.85 -9.91
CA ALA D 121 -21.31 1.98 -11.28
C ALA D 121 -22.27 2.70 -12.22
MG MG E . 3.02 35.32 -27.07
#